data_7V0F
#
_entry.id   7V0F
#
_cell.length_a   84.060
_cell.length_b   84.060
_cell.length_c   122.420
_cell.angle_alpha   90.000
_cell.angle_beta   90.000
_cell.angle_gamma   90.000
#
_symmetry.space_group_name_H-M   'I 4'
#
loop_
_entity.id
_entity.type
_entity.pdbx_description
1 polymer '6-carboxy-5,6,7,8-tetrahydropterin synthase'
2 non-polymer 1,2-ETHANEDIOL
3 non-polymer 'ZINC ION'
4 non-polymer DI(HYDROXYETHYL)ETHER
5 water water
#
_entity_poly.entity_id   1
_entity_poly.type   'polypeptide(L)'
_entity_poly.pdbx_seq_one_letter_code
;SHMLIRKLFKFENAHVVRNCTSDRCKRSIHGHSYKVELLLKASKLDHGQMVYDFGLLKGVIKDLFDSFDHAICFWEKDDP
QYIDACKTFSARWISLPVSPSAEQFSRIFFYLAQQVLQSTVTQNGEGDVEVYSVIVHETDTGYAQSFLEDIQNEQMGLLN
LEGIIFSEQVQSEWADPNMYENLKQGIKFHNPHVNLQVEV
;
_entity_poly.pdbx_strand_id   A,B
#
# COMPACT_ATOMS: atom_id res chain seq x y z
N HIS A 2 -30.22 -14.49 10.09
CA HIS A 2 -31.33 -13.58 9.78
C HIS A 2 -31.40 -13.31 8.27
N MET A 3 -31.23 -12.05 7.88
CA MET A 3 -31.12 -11.67 6.48
C MET A 3 -29.72 -11.10 6.24
N LEU A 4 -29.02 -11.67 5.27
CA LEU A 4 -27.63 -11.33 5.03
C LEU A 4 -27.55 -10.09 4.14
N ILE A 5 -26.77 -9.09 4.59
CA ILE A 5 -26.40 -7.94 3.79
C ILE A 5 -24.88 -7.92 3.70
N ARG A 6 -24.37 -7.71 2.49
CA ARG A 6 -22.95 -7.45 2.28
C ARG A 6 -22.79 -6.02 1.76
N LYS A 7 -21.80 -5.32 2.27
CA LYS A 7 -21.48 -4.00 1.74
C LYS A 7 -19.98 -3.90 1.48
N LEU A 8 -19.64 -3.34 0.33
CA LEU A 8 -18.29 -3.40 -0.20
C LEU A 8 -17.60 -2.06 0.02
N PHE A 9 -16.39 -2.11 0.57
CA PHE A 9 -15.55 -0.93 0.76
C PHE A 9 -14.15 -1.27 0.28
N LYS A 10 -13.38 -0.23 0.01
CA LYS A 10 -12.00 -0.44 -0.40
C LYS A 10 -11.16 0.67 0.23
N PHE A 11 -9.87 0.37 0.45
CA PHE A 11 -8.97 1.40 0.91
C PHE A 11 -7.53 1.04 0.55
N GLU A 12 -6.67 2.05 0.54
CA GLU A 12 -5.27 1.94 0.16
C GLU A 12 -4.41 2.39 1.34
N ASN A 13 -3.45 1.55 1.74
CA ASN A 13 -2.91 1.69 3.09
C ASN A 13 -1.43 1.30 3.09
N ALA A 14 -0.67 1.88 4.02
CA ALA A 14 0.64 1.39 4.37
C ALA A 14 0.65 1.07 5.86
N HIS A 15 1.35 0.03 6.26
CA HIS A 15 1.38 -0.28 7.68
C HIS A 15 2.69 -0.98 8.05
N VAL A 16 2.94 -1.02 9.35
CA VAL A 16 4.22 -1.48 9.88
C VAL A 16 3.98 -2.85 10.50
N VAL A 17 4.83 -3.81 10.20
CA VAL A 17 4.93 -4.98 11.03
C VAL A 17 6.29 -4.93 11.68
N ARG A 18 6.31 -4.92 13.00
CA ARG A 18 7.57 -4.98 13.71
C ARG A 18 8.01 -6.43 13.88
N ASN A 19 9.23 -6.60 14.33
CA ASN A 19 9.98 -7.83 14.21
C ASN A 19 10.09 -8.52 15.57
N CYS A 20 10.75 -9.67 15.58
CA CYS A 20 11.21 -10.31 16.79
C CYS A 20 12.56 -9.75 17.18
N THR A 21 13.09 -10.21 18.31
CA THR A 21 14.53 -10.18 18.55
C THR A 21 15.25 -11.36 17.91
N SER A 22 14.56 -12.19 17.12
CA SER A 22 15.19 -13.16 16.23
C SER A 22 16.12 -12.48 15.23
N ASP A 23 17.26 -13.15 14.98
CA ASP A 23 18.35 -12.61 14.19
C ASP A 23 17.99 -12.50 12.71
N ARG A 24 17.06 -13.32 12.23
CA ARG A 24 16.65 -13.25 10.84
C ARG A 24 15.38 -12.43 10.65
N CYS A 25 14.68 -12.04 11.70
CA CYS A 25 13.39 -11.36 11.58
C CYS A 25 13.62 -9.86 11.38
N LYS A 26 13.31 -9.37 10.18
CA LYS A 26 13.46 -7.97 9.82
C LYS A 26 12.12 -7.26 9.86
N ARG A 27 12.17 -5.96 10.13
CA ARG A 27 11.00 -5.10 10.08
C ARG A 27 10.61 -4.82 8.63
N SER A 28 9.29 -4.71 8.39
CA SER A 28 8.78 -4.61 7.02
C SER A 28 7.64 -3.59 6.97
N ILE A 29 7.52 -2.93 5.83
CA ILE A 29 6.35 -2.10 5.58
C ILE A 29 5.60 -2.67 4.39
N HIS A 30 4.28 -2.41 4.38
CA HIS A 30 3.34 -3.11 3.51
C HIS A 30 2.40 -2.03 3.00
N GLY A 31 2.68 -1.51 1.81
CA GLY A 31 1.67 -0.80 1.05
C GLY A 31 0.88 -1.70 0.12
N HIS A 32 -0.45 -1.76 0.30
CA HIS A 32 -1.31 -2.63 -0.50
C HIS A 32 -2.63 -1.97 -0.86
N SER A 33 -3.34 -2.59 -1.82
CA SER A 33 -4.78 -2.38 -2.00
C SER A 33 -5.59 -3.38 -1.19
N TYR A 34 -6.55 -2.87 -0.43
CA TYR A 34 -7.42 -3.68 0.41
C TYR A 34 -8.86 -3.60 -0.10
N LYS A 35 -9.59 -4.72 -0.01
CA LYS A 35 -11.02 -4.72 -0.27
C LYS A 35 -11.70 -5.32 0.96
N VAL A 36 -12.87 -4.79 1.30
CA VAL A 36 -13.46 -5.00 2.60
C VAL A 36 -14.88 -5.43 2.34
N GLU A 37 -15.25 -6.59 2.84
CA GLU A 37 -16.65 -6.99 2.82
C GLU A 37 -17.16 -6.83 4.21
N LEU A 38 -18.16 -5.99 4.38
CA LEU A 38 -18.87 -5.89 5.64
C LEU A 38 -20.11 -6.75 5.54
N LEU A 39 -20.27 -7.69 6.45
CA LEU A 39 -21.38 -8.62 6.38
C LEU A 39 -22.30 -8.33 7.54
N LEU A 40 -23.54 -7.95 7.22
CA LEU A 40 -24.54 -7.58 8.20
C LEU A 40 -25.66 -8.61 8.23
N LYS A 41 -26.21 -8.83 9.41
CA LYS A 41 -27.48 -9.52 9.56
C LYS A 41 -28.52 -8.56 10.14
N ALA A 42 -29.65 -8.44 9.46
CA ALA A 42 -30.71 -7.51 9.83
C ALA A 42 -31.98 -8.32 10.13
N SER A 43 -32.54 -8.11 11.31
CA SER A 43 -33.86 -8.62 11.68
C SER A 43 -34.98 -7.62 11.43
N LYS A 44 -34.64 -6.43 10.93
CA LYS A 44 -35.55 -5.31 10.89
C LYS A 44 -34.94 -4.27 9.96
N LEU A 45 -35.66 -3.88 8.93
CA LEU A 45 -35.18 -2.83 8.03
C LEU A 45 -35.88 -1.50 8.34
N ASP A 46 -35.74 -1.07 9.59
CA ASP A 46 -36.08 0.30 9.90
C ASP A 46 -35.08 1.27 9.30
N HIS A 47 -35.54 2.51 9.15
CA HIS A 47 -34.78 3.52 8.42
C HIS A 47 -33.48 3.88 9.15
N GLY A 48 -33.46 3.81 10.47
CA GLY A 48 -32.35 4.34 11.25
C GLY A 48 -31.10 3.50 11.17
N GLN A 49 -31.23 2.22 10.81
CA GLN A 49 -30.11 1.33 10.61
C GLN A 49 -30.11 0.68 9.22
N MET A 50 -30.78 1.32 8.25
CA MET A 50 -30.47 1.10 6.84
C MET A 50 -29.07 1.62 6.50
N VAL A 51 -28.37 0.91 5.63
CA VAL A 51 -27.04 1.30 5.15
C VAL A 51 -27.12 1.49 3.63
N TYR A 52 -26.89 2.74 3.17
CA TYR A 52 -27.02 3.15 1.77
C TYR A 52 -26.22 4.44 1.56
N ASP A 53 -25.75 4.65 0.32
CA ASP A 53 -25.01 5.86 -0.06
C ASP A 53 -25.89 7.10 0.09
N PHE A 54 -25.25 8.22 0.48
CA PHE A 54 -25.88 9.52 0.74
C PHE A 54 -26.92 9.45 1.88
N GLY A 55 -26.76 8.47 2.77
CA GLY A 55 -27.37 8.49 4.07
C GLY A 55 -26.34 8.53 5.19
N LEU A 56 -26.84 8.86 6.39
CA LEU A 56 -25.95 9.26 7.48
C LEU A 56 -25.14 8.08 8.01
N LEU A 57 -25.76 6.92 8.14
CA LEU A 57 -25.16 5.83 8.89
C LEU A 57 -24.04 5.15 8.12
N LYS A 58 -24.26 4.89 6.82
CA LYS A 58 -23.15 4.49 5.97
C LYS A 58 -22.13 5.62 5.82
N GLY A 59 -22.58 6.88 5.91
CA GLY A 59 -21.66 8.00 5.85
C GLY A 59 -20.63 7.95 6.95
N VAL A 60 -21.03 7.56 8.15
CA VAL A 60 -20.10 7.44 9.25
C VAL A 60 -19.22 6.21 9.10
N ILE A 61 -19.81 5.06 8.71
CA ILE A 61 -19.02 3.85 8.51
C ILE A 61 -18.00 4.06 7.40
N LYS A 62 -18.40 4.73 6.32
CA LYS A 62 -17.45 5.00 5.25
C LYS A 62 -16.35 5.94 5.71
N ASP A 63 -16.70 6.94 6.51
CA ASP A 63 -15.73 7.93 7.00
C ASP A 63 -14.70 7.28 7.92
N LEU A 64 -15.14 6.39 8.82
CA LEU A 64 -14.19 5.62 9.61
C LEU A 64 -13.36 4.68 8.76
N PHE A 65 -13.97 4.04 7.77
CA PHE A 65 -13.24 3.11 6.93
C PHE A 65 -12.24 3.83 6.03
N ASP A 66 -12.63 5.00 5.49
CA ASP A 66 -11.74 5.78 4.65
C ASP A 66 -10.61 6.43 5.47
N SER A 67 -10.70 6.41 6.80
CA SER A 67 -9.61 6.87 7.64
C SER A 67 -8.32 6.11 7.38
N PHE A 68 -8.44 4.84 7.02
CA PHE A 68 -7.29 4.01 6.73
C PHE A 68 -6.77 4.22 5.30
N ASP A 69 -7.42 5.07 4.50
CA ASP A 69 -7.02 5.25 3.11
C ASP A 69 -6.00 6.37 2.99
N HIS A 70 -4.88 6.08 2.32
CA HIS A 70 -3.73 6.98 2.21
C HIS A 70 -3.24 7.45 3.58
N ALA A 71 -3.36 6.56 4.54
CA ALA A 71 -2.86 6.66 5.88
C ALA A 71 -1.78 5.61 6.10
N ILE A 72 -1.00 5.80 7.14
CA ILE A 72 -0.15 4.74 7.67
C ILE A 72 -0.66 4.29 9.03
N CYS A 73 -0.56 2.99 9.28
CA CYS A 73 -0.95 2.40 10.54
C CYS A 73 0.26 1.86 11.27
N PHE A 74 0.36 2.16 12.57
CA PHE A 74 1.43 1.61 13.39
C PHE A 74 0.85 1.08 14.69
N TRP A 75 1.61 0.20 15.33
CA TRP A 75 1.29 -0.26 16.69
C TRP A 75 1.58 0.83 17.72
N GLU A 76 0.70 0.93 18.73
CA GLU A 76 0.95 1.75 19.93
C GLU A 76 2.26 1.40 20.63
N LYS A 77 2.58 0.11 20.72
CA LYS A 77 3.71 -0.36 21.50
C LYS A 77 4.94 -0.54 20.64
N ASP A 78 4.95 0.06 19.45
CA ASP A 78 6.16 0.12 18.66
C ASP A 78 7.17 1.08 19.30
N ASP A 79 8.40 0.99 18.82
CA ASP A 79 9.45 1.85 19.31
C ASP A 79 9.17 3.30 18.94
N PRO A 80 9.34 4.24 19.89
CA PRO A 80 8.86 5.60 19.67
C PRO A 80 9.65 6.39 18.63
N GLN A 81 10.89 6.00 18.34
CA GLN A 81 11.62 6.56 17.21
C GLN A 81 10.95 6.21 15.88
N TYR A 82 10.47 4.97 15.75
CA TYR A 82 9.69 4.56 14.58
C TYR A 82 8.39 5.33 14.50
N ILE A 83 7.66 5.41 15.62
CA ILE A 83 6.34 6.05 15.66
C ILE A 83 6.46 7.53 15.33
N ASP A 84 7.53 8.17 15.81
CA ASP A 84 7.76 9.57 15.47
C ASP A 84 8.19 9.74 14.02
N ALA A 85 8.95 8.78 13.47
CA ALA A 85 9.19 8.78 12.04
C ALA A 85 7.92 8.51 11.24
N CYS A 86 6.98 7.75 11.81
CA CYS A 86 5.69 7.55 11.14
C CYS A 86 4.92 8.85 11.02
N LYS A 87 4.84 9.62 12.11
CA LYS A 87 4.07 10.84 12.11
C LYS A 87 4.71 11.93 11.25
N THR A 88 6.04 11.94 11.15
CA THR A 88 6.70 12.79 10.16
C THR A 88 6.38 12.35 8.75
N PHE A 89 6.34 11.03 8.54
CA PHE A 89 6.17 10.46 7.20
C PHE A 89 4.83 10.84 6.60
N SER A 90 3.75 10.59 7.35
CA SER A 90 2.39 10.82 6.89
C SER A 90 1.60 11.57 7.96
N ALA A 91 1.12 12.77 7.60
CA ALA A 91 0.09 13.45 8.39
C ALA A 91 -1.22 12.68 8.48
N ARG A 92 -1.48 11.74 7.58
CA ARG A 92 -2.54 10.75 7.82
C ARG A 92 -1.92 9.53 8.50
N TRP A 93 -2.13 9.40 9.81
CA TRP A 93 -1.62 8.25 10.54
C TRP A 93 -2.69 7.73 11.48
N ILE A 94 -2.63 6.44 11.78
CA ILE A 94 -3.56 5.84 12.72
C ILE A 94 -2.77 5.00 13.72
N SER A 95 -2.98 5.25 15.00
CA SER A 95 -2.35 4.47 16.06
C SER A 95 -3.29 3.37 16.53
N LEU A 96 -2.78 2.15 16.55
CA LEU A 96 -3.65 0.99 16.71
C LEU A 96 -3.24 0.28 17.98
N PRO A 97 -4.20 -0.37 18.71
CA PRO A 97 -3.81 -1.12 19.89
C PRO A 97 -3.31 -2.52 19.61
N VAL A 98 -3.13 -2.83 18.33
CA VAL A 98 -2.66 -4.12 17.85
C VAL A 98 -1.69 -3.79 16.73
N SER A 99 -0.83 -4.75 16.43
CA SER A 99 0.04 -4.62 15.29
C SER A 99 -0.81 -4.67 14.01
N PRO A 100 -0.61 -3.74 13.07
CA PRO A 100 -1.50 -3.71 11.90
C PRO A 100 -1.24 -4.89 10.96
N SER A 101 -2.33 -5.56 10.57
CA SER A 101 -2.28 -6.56 9.53
C SER A 101 -3.66 -6.65 8.89
N ALA A 102 -3.72 -7.35 7.74
CA ALA A 102 -5.00 -7.73 7.15
C ALA A 102 -5.86 -8.49 8.14
N GLU A 103 -5.22 -9.37 8.93
CA GLU A 103 -5.87 -10.06 10.03
C GLU A 103 -6.48 -9.08 11.05
N GLN A 104 -5.73 -8.06 11.46
CA GLN A 104 -6.24 -7.19 12.50
C GLN A 104 -7.16 -6.12 11.97
N PHE A 105 -6.94 -5.70 10.71
CA PHE A 105 -7.90 -4.85 10.01
C PHE A 105 -9.30 -5.44 10.01
N SER A 106 -9.42 -6.75 9.77
CA SER A 106 -10.73 -7.38 9.77
C SER A 106 -11.36 -7.35 11.16
N ARG A 107 -10.55 -7.46 12.21
CA ARG A 107 -11.08 -7.27 13.56
C ARG A 107 -11.41 -5.79 13.82
N ILE A 108 -10.54 -4.87 13.37
CA ILE A 108 -10.73 -3.45 13.66
C ILE A 108 -11.98 -2.92 12.95
N PHE A 109 -12.15 -3.31 11.67
CA PHE A 109 -13.27 -2.81 10.88
C PHE A 109 -14.60 -3.38 11.37
N PHE A 110 -14.59 -4.65 11.79
CA PHE A 110 -15.74 -5.25 12.49
C PHE A 110 -16.11 -4.41 13.70
N TYR A 111 -15.14 -4.11 14.55
CA TYR A 111 -15.41 -3.44 15.82
C TYR A 111 -15.93 -2.03 15.57
N LEU A 112 -15.32 -1.32 14.63
CA LEU A 112 -15.73 0.04 14.30
C LEU A 112 -17.15 0.07 13.77
N ALA A 113 -17.49 -0.86 12.86
CA ALA A 113 -18.85 -0.97 12.37
C ALA A 113 -19.81 -1.41 13.46
N GLN A 114 -19.33 -2.30 14.36
CA GLN A 114 -20.16 -2.77 15.46
C GLN A 114 -20.48 -1.65 16.42
N GLN A 115 -19.51 -0.78 16.70
CA GLN A 115 -19.74 0.36 17.56
C GLN A 115 -20.63 1.41 16.90
N VAL A 116 -20.50 1.60 15.57
CA VAL A 116 -21.34 2.58 14.90
C VAL A 116 -22.80 2.16 14.95
N LEU A 117 -23.07 0.85 14.90
CA LEU A 117 -24.47 0.42 14.89
C LEU A 117 -25.07 0.48 16.29
N GLN A 118 -24.98 1.65 16.94
CA GLN A 118 -25.81 2.08 18.07
C GLN A 118 -26.30 3.49 17.78
N SER A 119 -27.59 3.62 17.51
CA SER A 119 -28.13 4.75 16.75
C SER A 119 -29.59 5.06 17.08
N ASP A 128 -32.31 -6.73 15.11
CA ASP A 128 -32.10 -5.53 14.32
C ASP A 128 -30.84 -5.71 13.53
N VAL A 129 -30.02 -4.66 13.40
CA VAL A 129 -28.92 -4.64 12.46
C VAL A 129 -27.62 -4.89 13.21
N GLU A 130 -26.83 -5.86 12.74
CA GLU A 130 -25.74 -6.45 13.52
C GLU A 130 -24.60 -6.83 12.59
N VAL A 131 -23.36 -6.49 12.96
CA VAL A 131 -22.21 -6.90 12.15
C VAL A 131 -22.02 -8.40 12.33
N TYR A 132 -22.00 -9.11 11.22
CA TYR A 132 -21.87 -10.55 11.30
C TYR A 132 -20.42 -10.94 11.17
N SER A 133 -19.70 -10.25 10.30
CA SER A 133 -18.41 -10.69 9.82
C SER A 133 -17.81 -9.57 8.99
N VAL A 134 -16.48 -9.48 8.99
CA VAL A 134 -15.74 -8.65 8.05
C VAL A 134 -14.68 -9.50 7.35
N ILE A 135 -14.60 -9.41 6.03
CA ILE A 135 -13.53 -10.01 5.24
C ILE A 135 -12.68 -8.88 4.67
N VAL A 136 -11.38 -8.93 4.93
CA VAL A 136 -10.43 -7.99 4.34
C VAL A 136 -9.55 -8.76 3.38
N HIS A 137 -9.65 -8.43 2.10
CA HIS A 137 -8.83 -9.03 1.06
C HIS A 137 -7.61 -8.16 0.92
N GLU A 138 -6.45 -8.77 0.97
CA GLU A 138 -5.20 -8.05 0.93
C GLU A 138 -4.57 -8.35 -0.42
N THR A 139 -4.62 -7.36 -1.32
CA THR A 139 -4.21 -7.39 -2.73
C THR A 139 -4.59 -8.72 -3.37
N ASP A 140 -3.69 -9.41 -4.09
CA ASP A 140 -4.01 -10.74 -4.60
C ASP A 140 -3.51 -11.87 -3.72
N THR A 141 -3.04 -11.58 -2.50
CA THR A 141 -2.36 -12.61 -1.71
C THR A 141 -3.23 -13.28 -0.67
N GLY A 142 -4.36 -12.71 -0.29
CA GLY A 142 -5.29 -13.48 0.47
C GLY A 142 -6.20 -12.60 1.29
N TYR A 143 -6.91 -13.22 2.21
CA TYR A 143 -7.92 -12.52 2.97
C TYR A 143 -7.82 -12.95 4.42
N ALA A 144 -8.38 -12.13 5.31
CA ALA A 144 -8.74 -12.54 6.65
C ALA A 144 -10.22 -12.28 6.93
N GLN A 145 -10.87 -13.23 7.59
CA GLN A 145 -12.28 -13.10 7.92
C GLN A 145 -12.44 -13.11 9.43
N SER A 146 -13.03 -12.05 9.97
CA SER A 146 -13.33 -11.93 11.38
C SER A 146 -14.78 -12.34 11.62
N PHE A 147 -15.03 -12.97 12.75
CA PHE A 147 -16.36 -13.16 13.30
C PHE A 147 -16.42 -12.53 14.70
N LEU A 148 -17.56 -12.72 15.38
CA LEU A 148 -17.78 -12.03 16.64
C LEU A 148 -16.86 -12.56 17.74
N GLU A 149 -16.57 -13.86 17.73
CA GLU A 149 -15.64 -14.44 18.69
C GLU A 149 -14.24 -13.85 18.58
N ASP A 150 -13.83 -13.47 17.37
CA ASP A 150 -12.51 -12.87 17.16
C ASP A 150 -12.40 -11.50 17.77
N ILE A 151 -13.51 -10.79 17.90
CA ILE A 151 -13.48 -9.43 18.40
C ILE A 151 -13.23 -9.43 19.90
N GLN A 152 -13.92 -10.30 20.62
CA GLN A 152 -13.80 -10.38 22.06
C GLN A 152 -12.68 -11.30 22.51
N ASN A 153 -11.91 -11.84 21.57
CA ASN A 153 -10.73 -12.62 21.91
C ASN A 153 -9.66 -11.69 22.46
N GLU A 154 -9.36 -11.82 23.75
CA GLU A 154 -8.28 -11.03 24.32
C GLU A 154 -6.89 -11.53 23.92
N GLN A 155 -6.76 -12.81 23.54
CA GLN A 155 -5.49 -13.29 23.01
C GLN A 155 -5.14 -12.63 21.68
N MET A 156 -6.17 -12.21 20.93
CA MET A 156 -5.96 -11.42 19.72
C MET A 156 -5.73 -9.95 20.01
N GLY A 157 -6.12 -9.46 21.18
CA GLY A 157 -5.88 -8.07 21.54
C GLY A 157 -7.16 -7.28 21.62
N LEU A 158 -7.43 -6.74 22.80
CA LEU A 158 -8.74 -6.16 23.09
C LEU A 158 -8.88 -4.84 22.35
N LEU A 159 -10.07 -4.61 21.83
CA LEU A 159 -10.35 -3.46 20.99
C LEU A 159 -11.29 -2.57 21.78
N ASN A 160 -10.82 -1.38 22.10
CA ASN A 160 -11.65 -0.30 22.61
C ASN A 160 -11.48 0.91 21.72
N LEU A 161 -12.49 1.80 21.77
CA LEU A 161 -12.50 2.97 20.90
C LEU A 161 -11.35 3.92 21.21
N GLU A 162 -10.92 3.99 22.47
CA GLU A 162 -9.85 4.90 22.82
C GLU A 162 -8.47 4.35 22.44
N GLY A 163 -8.38 3.07 22.04
CA GLY A 163 -7.14 2.48 21.59
C GLY A 163 -6.82 2.71 20.13
N ILE A 164 -7.78 3.19 19.37
CA ILE A 164 -7.55 3.58 17.99
C ILE A 164 -7.50 5.09 17.98
N ILE A 165 -6.34 5.64 17.66
CA ILE A 165 -6.12 7.08 17.64
C ILE A 165 -5.93 7.47 16.18
N PHE A 166 -6.89 8.24 15.66
CA PHE A 166 -6.83 8.83 14.34
C PHE A 166 -6.06 10.16 14.39
N SER A 167 -5.35 10.46 13.30
CA SER A 167 -4.56 11.68 13.14
C SER A 167 -5.50 12.88 13.07
N GLU A 168 -4.94 14.09 13.23
CA GLU A 168 -5.73 15.29 13.02
C GLU A 168 -6.19 15.41 11.57
N GLN A 169 -5.30 15.05 10.64
CA GLN A 169 -5.55 15.20 9.22
C GLN A 169 -6.50 14.11 8.73
N VAL A 170 -6.48 12.96 9.40
CA VAL A 170 -7.51 11.95 9.20
C VAL A 170 -8.86 12.47 9.67
N GLN A 171 -8.90 13.08 10.85
CA GLN A 171 -10.14 13.71 11.30
C GLN A 171 -10.57 14.86 10.42
N SER A 172 -9.63 15.50 9.73
CA SER A 172 -9.90 16.66 8.89
C SER A 172 -10.87 16.36 7.74
N GLU A 173 -10.89 15.11 7.26
CA GLU A 173 -11.72 14.70 6.14
C GLU A 173 -13.05 14.11 6.56
N TRP A 174 -13.33 14.04 7.86
CA TRP A 174 -14.61 13.52 8.31
C TRP A 174 -15.73 14.51 7.98
N ALA A 175 -16.91 13.95 7.66
CA ALA A 175 -18.10 14.78 7.53
C ALA A 175 -18.43 15.49 8.84
N ASP A 176 -18.33 14.79 9.96
CA ASP A 176 -18.47 15.36 11.30
C ASP A 176 -17.14 15.22 12.06
N PRO A 177 -16.52 16.32 12.52
CA PRO A 177 -15.24 16.19 13.22
C PRO A 177 -15.36 15.53 14.58
N ASN A 178 -16.55 15.50 15.16
CA ASN A 178 -16.76 14.92 16.47
C ASN A 178 -17.39 13.55 16.40
N MET A 179 -17.39 12.93 15.22
CA MET A 179 -17.95 11.59 15.01
C MET A 179 -17.38 10.57 15.97
N TYR A 180 -16.04 10.48 16.05
CA TYR A 180 -15.46 9.42 16.84
C TYR A 180 -15.59 9.70 18.33
N GLU A 181 -15.44 10.96 18.73
CA GLU A 181 -15.66 11.35 20.12
C GLU A 181 -17.10 11.15 20.55
N ASN A 182 -18.06 11.33 19.61
CA ASN A 182 -19.46 11.09 19.91
C ASN A 182 -19.70 9.63 20.29
N LEU A 183 -19.04 8.70 19.61
CA LEU A 183 -19.20 7.31 19.96
C LEU A 183 -18.38 6.86 21.17
N LYS A 184 -17.33 7.61 21.53
CA LYS A 184 -16.68 7.38 22.82
C LYS A 184 -17.63 7.64 23.98
N GLN A 185 -18.45 8.69 23.88
CA GLN A 185 -19.58 8.88 24.78
C GLN A 185 -20.73 7.99 24.34
N GLY A 186 -21.90 8.17 24.93
CA GLY A 186 -23.03 7.35 24.51
C GLY A 186 -23.79 7.90 23.34
N ILE A 187 -23.30 8.95 22.69
CA ILE A 187 -24.13 9.87 21.89
C ILE A 187 -24.72 9.18 20.67
N LYS A 188 -26.05 9.09 20.63
CA LYS A 188 -26.71 8.18 19.72
C LYS A 188 -26.87 8.88 18.39
N PHE A 189 -26.63 8.14 17.31
CA PHE A 189 -26.19 8.79 16.09
C PHE A 189 -27.38 9.30 15.27
N HIS A 190 -28.31 8.42 14.93
CA HIS A 190 -29.31 8.69 13.89
C HIS A 190 -30.69 8.74 14.55
N ASN A 191 -31.05 9.93 15.06
CA ASN A 191 -32.25 10.27 15.89
C ASN A 191 -33.56 9.53 15.64
N HIS B 2 9.09 -7.53 -35.15
CA HIS B 2 7.63 -7.45 -35.17
C HIS B 2 7.01 -8.59 -34.38
N MET B 3 7.79 -9.19 -33.48
CA MET B 3 7.23 -10.03 -32.42
C MET B 3 6.93 -9.15 -31.21
N LEU B 4 5.68 -9.17 -30.76
CA LEU B 4 5.31 -8.52 -29.53
C LEU B 4 5.38 -9.56 -28.41
N ILE B 5 6.16 -9.27 -27.38
CA ILE B 5 6.19 -10.05 -26.14
C ILE B 5 5.72 -9.16 -25.00
N ARG B 6 4.76 -9.66 -24.22
CA ARG B 6 4.37 -9.04 -22.97
C ARG B 6 4.85 -9.91 -21.82
N LYS B 7 5.53 -9.31 -20.85
CA LYS B 7 5.80 -10.00 -19.60
C LYS B 7 5.16 -9.23 -18.45
N LEU B 8 4.67 -9.95 -17.46
CA LEU B 8 3.79 -9.40 -16.46
C LEU B 8 4.46 -9.45 -15.10
N PHE B 9 4.35 -8.34 -14.38
CA PHE B 9 4.95 -8.21 -13.06
C PHE B 9 3.95 -7.53 -12.15
N LYS B 10 4.09 -7.81 -10.86
CA LYS B 10 3.36 -7.11 -9.81
C LYS B 10 4.34 -6.63 -8.74
N PHE B 11 3.95 -5.56 -8.05
CA PHE B 11 4.64 -5.16 -6.82
C PHE B 11 3.71 -4.33 -5.95
N GLU B 12 4.05 -4.28 -4.65
CA GLU B 12 3.25 -3.66 -3.62
C GLU B 12 4.10 -2.60 -2.93
N ASN B 13 3.76 -1.34 -3.12
CA ASN B 13 4.68 -0.22 -2.92
C ASN B 13 4.04 0.81 -2.01
N ALA B 14 4.87 1.49 -1.22
CA ALA B 14 4.53 2.80 -0.68
C ALA B 14 5.41 3.88 -1.29
N HIS B 15 4.88 5.10 -1.39
CA HIS B 15 5.69 6.23 -1.83
C HIS B 15 5.07 7.54 -1.34
N VAL B 16 5.73 8.64 -1.74
CA VAL B 16 5.47 9.97 -1.22
C VAL B 16 5.15 10.87 -2.42
N VAL B 17 4.28 11.87 -2.18
CA VAL B 17 4.17 13.03 -3.06
C VAL B 17 4.06 14.25 -2.15
N ARG B 18 4.97 15.20 -2.29
CA ARG B 18 4.76 16.53 -1.70
C ARG B 18 3.78 17.33 -2.54
N LYS B 26 -1.77 19.62 1.26
CA LYS B 26 -1.39 18.37 1.90
C LYS B 26 -0.41 17.54 1.08
N ARG B 27 0.67 17.10 1.71
CA ARG B 27 1.46 16.01 1.19
C ARG B 27 0.89 14.65 1.62
N SER B 28 1.01 13.68 0.71
CA SER B 28 0.12 12.54 0.64
C SER B 28 1.00 11.30 0.47
N ILE B 29 0.59 10.19 1.09
CA ILE B 29 1.36 8.95 1.15
C ILE B 29 0.53 7.84 0.50
N HIS B 30 1.15 7.02 -0.34
CA HIS B 30 0.42 6.24 -1.33
C HIS B 30 0.82 4.77 -1.20
N GLY B 31 -0.04 3.96 -0.59
CA GLY B 31 0.17 2.53 -0.58
C GLY B 31 -0.72 1.75 -1.52
N HIS B 32 -0.18 1.22 -2.62
CA HIS B 32 -0.98 0.57 -3.65
C HIS B 32 -0.34 -0.73 -4.13
N SER B 33 -1.21 -1.67 -4.48
CA SER B 33 -0.86 -2.74 -5.40
C SER B 33 -0.70 -2.21 -6.82
N TYR B 34 0.40 -2.62 -7.44
CA TYR B 34 0.72 -2.26 -8.80
C TYR B 34 0.83 -3.50 -9.65
N LYS B 35 0.45 -3.38 -10.92
CA LYS B 35 0.72 -4.36 -11.96
C LYS B 35 1.55 -3.73 -13.07
N VAL B 36 2.53 -4.47 -13.57
CA VAL B 36 3.35 -4.00 -14.68
C VAL B 36 3.13 -4.93 -15.86
N GLU B 37 2.82 -4.35 -17.02
CA GLU B 37 3.03 -4.99 -18.31
C GLU B 37 4.30 -4.42 -18.93
N LEU B 38 5.26 -5.28 -19.19
CA LEU B 38 6.45 -4.93 -19.95
C LEU B 38 6.27 -5.42 -21.38
N LEU B 39 6.25 -4.50 -22.34
CA LEU B 39 6.05 -4.82 -23.74
C LEU B 39 7.38 -4.75 -24.47
N LEU B 40 7.75 -5.85 -25.12
CA LEU B 40 9.01 -5.98 -25.82
C LEU B 40 8.73 -6.19 -27.30
N LYS B 41 9.67 -5.75 -28.13
CA LYS B 41 9.74 -6.17 -29.53
C LYS B 41 10.99 -7.00 -29.77
N ALA B 42 10.85 -8.03 -30.62
CA ALA B 42 11.89 -9.02 -30.81
C ALA B 42 12.07 -9.25 -32.30
N SER B 43 13.32 -9.43 -32.71
CA SER B 43 13.60 -9.89 -34.06
C SER B 43 14.70 -10.93 -34.15
N LYS B 44 15.30 -11.36 -33.02
CA LYS B 44 16.32 -12.40 -33.09
C LYS B 44 15.92 -13.70 -32.42
N LEU B 45 15.38 -13.63 -31.18
CA LEU B 45 15.17 -14.81 -30.31
C LEU B 45 16.45 -15.64 -30.15
N ASP B 46 17.57 -14.95 -29.96
CA ASP B 46 18.82 -15.57 -29.53
C ASP B 46 18.83 -15.61 -28.01
N HIS B 47 19.52 -16.62 -27.46
CA HIS B 47 19.25 -17.11 -26.11
C HIS B 47 19.70 -16.11 -25.03
N GLY B 48 20.72 -15.30 -25.33
CA GLY B 48 21.25 -14.37 -24.34
C GLY B 48 20.31 -13.24 -24.01
N GLN B 49 19.45 -12.85 -24.94
CA GLN B 49 18.43 -11.84 -24.68
C GLN B 49 17.06 -12.44 -24.36
N MET B 50 16.98 -13.74 -24.09
CA MET B 50 15.69 -14.40 -23.88
C MET B 50 15.14 -14.06 -22.51
N VAL B 51 13.84 -13.76 -22.46
CA VAL B 51 13.13 -13.48 -21.22
C VAL B 51 12.27 -14.68 -20.86
N TYR B 52 12.69 -15.38 -19.80
CA TYR B 52 12.01 -16.56 -19.29
C TYR B 52 12.41 -16.73 -17.83
N ASP B 53 11.54 -17.41 -17.07
CA ASP B 53 11.49 -17.26 -15.61
C ASP B 53 12.76 -17.72 -14.90
N PHE B 54 13.09 -19.02 -14.95
CA PHE B 54 14.17 -19.54 -14.11
C PHE B 54 15.50 -19.59 -14.84
N GLY B 55 15.72 -18.68 -15.80
CA GLY B 55 17.05 -18.49 -16.36
C GLY B 55 17.80 -17.31 -15.77
N LEU B 56 18.22 -16.36 -16.60
CA LEU B 56 19.09 -15.31 -16.09
C LEU B 56 18.57 -13.90 -16.41
N LEU B 57 18.07 -13.66 -17.63
CA LEU B 57 17.88 -12.29 -18.09
C LEU B 57 16.63 -11.66 -17.47
N LYS B 58 15.53 -12.40 -17.48
CA LYS B 58 14.38 -12.03 -16.67
C LYS B 58 14.69 -12.08 -15.17
N GLY B 59 15.70 -12.85 -14.75
CA GLY B 59 16.13 -12.80 -13.35
C GLY B 59 16.70 -11.46 -12.94
N VAL B 60 17.47 -10.82 -13.81
CA VAL B 60 17.85 -9.42 -13.63
C VAL B 60 16.63 -8.51 -13.60
N ILE B 61 15.72 -8.69 -14.55
CA ILE B 61 14.62 -7.75 -14.71
C ILE B 61 13.63 -7.88 -13.55
N LYS B 62 13.32 -9.12 -13.15
CA LYS B 62 12.40 -9.32 -12.03
C LYS B 62 13.01 -8.89 -10.71
N ASP B 63 14.33 -9.06 -10.52
CA ASP B 63 14.98 -8.59 -9.28
C ASP B 63 14.92 -7.07 -9.15
N LEU B 64 15.19 -6.36 -10.25
CA LEU B 64 15.07 -4.91 -10.28
C LEU B 64 13.63 -4.45 -10.11
N PHE B 65 12.68 -5.25 -10.58
CA PHE B 65 11.27 -4.87 -10.51
C PHE B 65 10.67 -5.23 -9.16
N ASP B 66 11.03 -6.40 -8.61
CA ASP B 66 10.66 -6.76 -7.24
C ASP B 66 11.42 -5.96 -6.19
N SER B 67 12.43 -5.17 -6.59
CA SER B 67 13.06 -4.22 -5.68
C SER B 67 12.07 -3.19 -5.16
N PHE B 68 11.06 -2.86 -5.96
CA PHE B 68 10.05 -1.87 -5.61
C PHE B 68 8.99 -2.41 -4.66
N ASP B 69 9.07 -3.68 -4.29
CA ASP B 69 7.98 -4.39 -3.65
C ASP B 69 8.23 -4.48 -2.16
N HIS B 70 7.23 -4.04 -1.36
CA HIS B 70 7.39 -3.80 0.09
C HIS B 70 8.61 -2.93 0.38
N ALA B 71 8.83 -1.93 -0.47
CA ALA B 71 9.74 -0.83 -0.22
C ALA B 71 8.97 0.47 -0.29
N ILE B 72 9.53 1.52 0.33
CA ILE B 72 9.05 2.87 0.09
C ILE B 72 9.89 3.54 -0.99
N CYS B 73 9.33 4.55 -1.62
CA CYS B 73 10.03 5.32 -2.65
C CYS B 73 9.92 6.82 -2.35
N PHE B 74 11.01 7.55 -2.60
CA PHE B 74 11.03 8.99 -2.36
C PHE B 74 11.83 9.68 -3.47
N TRP B 75 11.57 10.98 -3.63
CA TRP B 75 12.42 11.85 -4.44
C TRP B 75 13.80 12.05 -3.82
N GLU B 76 14.82 12.15 -4.69
CA GLU B 76 16.06 12.85 -4.34
C GLU B 76 15.80 14.25 -3.80
N LYS B 77 15.02 15.04 -4.52
CA LYS B 77 14.88 16.45 -4.26
C LYS B 77 13.74 16.77 -3.28
N ASP B 78 13.21 15.74 -2.62
CA ASP B 78 12.48 15.94 -1.37
C ASP B 78 13.40 16.54 -0.30
N ASP B 79 12.77 17.11 0.71
CA ASP B 79 13.49 17.73 1.81
C ASP B 79 14.27 16.66 2.57
N PRO B 80 15.55 16.93 2.93
CA PRO B 80 16.36 15.94 3.66
C PRO B 80 15.75 15.35 4.93
N GLN B 81 15.19 16.17 5.83
CA GLN B 81 14.73 15.61 7.11
C GLN B 81 13.46 14.77 7.00
N TYR B 82 12.76 14.81 5.87
CA TYR B 82 11.79 13.76 5.57
C TYR B 82 12.40 12.57 4.83
N ILE B 83 13.55 12.74 4.18
CA ILE B 83 14.23 11.62 3.56
C ILE B 83 14.81 10.67 4.62
N ASP B 84 15.36 11.22 5.72
CA ASP B 84 15.73 10.35 6.85
C ASP B 84 14.52 9.63 7.42
N ALA B 85 13.40 10.34 7.55
CA ALA B 85 12.17 9.71 8.03
C ALA B 85 11.64 8.69 7.04
N CYS B 86 11.91 8.87 5.74
CA CYS B 86 11.62 7.82 4.77
C CYS B 86 12.46 6.56 5.01
N LYS B 87 13.73 6.73 5.34
CA LYS B 87 14.60 5.57 5.47
C LYS B 87 14.90 5.19 6.92
N THR B 88 14.38 5.94 7.90
CA THR B 88 14.14 5.37 9.22
C THR B 88 13.02 4.35 9.16
N PHE B 89 12.06 4.57 8.26
CA PHE B 89 10.77 3.89 8.32
C PHE B 89 10.91 2.39 8.01
N SER B 90 11.58 2.04 6.92
CA SER B 90 12.15 0.71 6.79
C SER B 90 13.38 0.74 5.91
N ALA B 91 14.16 -0.35 6.00
CA ALA B 91 15.42 -0.51 5.29
C ALA B 91 15.25 -0.93 3.85
N ARG B 92 14.02 -1.23 3.43
CA ARG B 92 13.66 -1.30 2.01
C ARG B 92 13.21 0.09 1.57
N TRP B 93 14.13 0.83 0.96
CA TRP B 93 13.83 2.10 0.29
C TRP B 93 14.51 2.14 -1.06
N ILE B 94 13.97 2.94 -1.97
CA ILE B 94 14.63 3.28 -3.22
C ILE B 94 14.63 4.79 -3.36
N SER B 95 15.81 5.38 -3.48
CA SER B 95 15.90 6.78 -3.86
C SER B 95 15.68 6.92 -5.36
N LEU B 96 14.82 7.86 -5.74
CA LEU B 96 14.48 8.02 -7.13
C LEU B 96 14.88 9.42 -7.62
N PRO B 97 15.29 9.55 -8.88
CA PRO B 97 15.65 10.87 -9.41
C PRO B 97 14.47 11.69 -9.90
N VAL B 98 13.26 11.15 -9.81
CA VAL B 98 12.04 11.90 -10.01
C VAL B 98 11.11 11.60 -8.84
N SER B 99 10.06 12.39 -8.71
CA SER B 99 9.09 12.19 -7.65
C SER B 99 8.26 10.95 -7.96
N PRO B 100 8.17 9.96 -7.06
CA PRO B 100 7.57 8.67 -7.44
C PRO B 100 6.06 8.82 -7.64
N SER B 101 5.61 8.37 -8.81
CA SER B 101 4.20 8.11 -9.04
C SER B 101 4.09 6.96 -10.03
N ALA B 102 2.85 6.56 -10.33
CA ALA B 102 2.64 5.49 -11.31
C ALA B 102 3.00 5.95 -12.72
N GLU B 103 2.87 7.24 -12.99
CA GLU B 103 3.45 7.81 -14.20
C GLU B 103 4.96 7.68 -14.19
N GLN B 104 5.59 8.05 -13.08
CA GLN B 104 7.05 7.94 -13.06
C GLN B 104 7.53 6.51 -12.88
N PHE B 105 6.70 5.62 -12.30
CA PHE B 105 7.04 4.21 -12.27
C PHE B 105 7.14 3.61 -13.67
N SER B 106 6.26 4.03 -14.59
CA SER B 106 6.27 3.47 -15.93
C SER B 106 7.48 3.91 -16.72
N ARG B 107 7.98 5.11 -16.46
CA ARG B 107 9.23 5.57 -17.06
C ARG B 107 10.44 4.86 -16.45
N ILE B 108 10.43 4.69 -15.13
CA ILE B 108 11.59 4.11 -14.44
C ILE B 108 11.75 2.64 -14.81
N PHE B 109 10.63 1.89 -14.82
CA PHE B 109 10.66 0.46 -15.14
C PHE B 109 11.04 0.24 -16.60
N PHE B 110 10.56 1.10 -17.50
CA PHE B 110 11.06 1.15 -18.88
C PHE B 110 12.56 1.36 -18.92
N TYR B 111 13.06 2.33 -18.15
CA TYR B 111 14.48 2.66 -18.22
C TYR B 111 15.33 1.52 -17.67
N LEU B 112 14.89 0.90 -16.57
CA LEU B 112 15.64 -0.20 -15.98
C LEU B 112 15.68 -1.40 -16.92
N ALA B 113 14.56 -1.74 -17.56
CA ALA B 113 14.50 -2.89 -18.46
C ALA B 113 15.29 -2.64 -19.74
N GLN B 114 15.25 -1.41 -20.26
CA GLN B 114 16.04 -1.04 -21.44
C GLN B 114 17.54 -1.16 -21.17
N GLN B 115 17.98 -0.71 -19.99
CA GLN B 115 19.40 -0.75 -19.63
C GLN B 115 19.87 -2.18 -19.44
N VAL B 116 18.99 -3.07 -19.00
CA VAL B 116 19.34 -4.48 -18.90
C VAL B 116 19.60 -5.08 -20.27
N LEU B 117 18.74 -4.77 -21.25
CA LEU B 117 18.79 -5.47 -22.54
C LEU B 117 19.98 -5.08 -23.41
N ASP B 128 18.25 -9.04 -30.30
CA ASP B 128 17.47 -7.83 -30.53
C ASP B 128 16.11 -7.91 -29.84
N VAL B 129 16.13 -7.79 -28.53
CA VAL B 129 14.96 -7.39 -27.75
C VAL B 129 15.17 -5.96 -27.30
N GLU B 130 14.24 -5.09 -27.68
CA GLU B 130 14.13 -3.74 -27.12
C GLU B 130 12.80 -3.59 -26.39
N VAL B 131 12.76 -2.64 -25.45
CA VAL B 131 11.54 -2.33 -24.71
C VAL B 131 10.66 -1.42 -25.54
N TYR B 132 9.46 -1.87 -25.87
CA TYR B 132 8.52 -1.06 -26.64
C TYR B 132 7.70 -0.12 -25.77
N SER B 133 7.10 -0.66 -24.73
CA SER B 133 6.27 0.14 -23.83
C SER B 133 6.24 -0.56 -22.48
N VAL B 134 5.91 0.21 -21.45
CA VAL B 134 5.63 -0.29 -20.10
C VAL B 134 4.29 0.28 -19.67
N ILE B 135 3.39 -0.59 -19.21
CA ILE B 135 2.14 -0.18 -18.60
C ILE B 135 2.22 -0.47 -17.10
N VAL B 136 2.02 0.56 -16.27
CA VAL B 136 1.93 0.36 -14.84
C VAL B 136 0.52 0.71 -14.38
N HIS B 137 -0.19 -0.27 -13.83
CA HIS B 137 -1.53 -0.08 -13.30
C HIS B 137 -1.46 0.20 -11.80
N GLU B 138 -2.10 1.28 -11.39
CA GLU B 138 -2.14 1.67 -9.98
C GLU B 138 -3.52 1.36 -9.42
N THR B 139 -3.58 0.36 -8.53
CA THR B 139 -4.76 -0.28 -7.95
C THR B 139 -5.88 -0.40 -8.99
N ASP B 140 -7.08 0.08 -8.67
CA ASP B 140 -8.19 0.11 -9.62
C ASP B 140 -8.44 1.51 -10.21
N THR B 141 -7.53 2.45 -10.03
CA THR B 141 -7.78 3.81 -10.48
C THR B 141 -7.19 4.12 -11.84
N GLY B 142 -6.48 3.17 -12.47
CA GLY B 142 -6.09 3.29 -13.85
C GLY B 142 -4.60 3.06 -14.02
N TYR B 143 -4.05 3.54 -15.12
CA TYR B 143 -2.68 3.19 -15.42
C TYR B 143 -1.97 4.34 -16.11
N ALA B 144 -0.66 4.17 -16.22
CA ALA B 144 0.18 4.99 -17.08
C ALA B 144 0.97 4.10 -18.01
N GLN B 145 1.11 4.54 -19.25
CA GLN B 145 1.80 3.77 -20.27
C GLN B 145 2.90 4.66 -20.87
N SER B 146 4.14 4.32 -20.56
CA SER B 146 5.30 4.94 -21.15
C SER B 146 5.63 4.31 -22.50
N PHE B 147 6.10 5.13 -23.41
CA PHE B 147 6.82 4.66 -24.59
C PHE B 147 8.24 5.20 -24.51
N LEU B 148 9.00 4.99 -25.58
CA LEU B 148 10.41 5.37 -25.58
C LEU B 148 10.58 6.89 -25.58
N GLU B 149 9.68 7.60 -26.25
CA GLU B 149 9.73 9.06 -26.32
C GLU B 149 9.49 9.70 -24.95
N ASP B 150 8.71 9.04 -24.10
CA ASP B 150 8.56 9.50 -22.72
C ASP B 150 9.87 9.40 -21.94
N ILE B 151 10.74 8.46 -22.29
CA ILE B 151 11.99 8.30 -21.57
C ILE B 151 12.99 9.38 -21.95
N GLN B 152 12.81 10.00 -23.11
CA GLN B 152 13.76 10.95 -23.67
C GLN B 152 13.35 12.40 -23.47
N ASN B 153 12.49 12.67 -22.48
CA ASN B 153 12.19 14.03 -22.04
C ASN B 153 12.99 14.37 -20.78
N GLU B 154 13.76 15.47 -20.84
CA GLU B 154 14.15 16.19 -19.63
C GLU B 154 13.01 16.98 -19.01
N GLN B 155 11.92 17.22 -19.75
CA GLN B 155 10.75 17.86 -19.14
C GLN B 155 10.03 16.92 -18.19
N MET B 156 10.05 15.62 -18.47
CA MET B 156 9.53 14.63 -17.53
C MET B 156 10.53 14.24 -16.45
N GLY B 157 11.76 14.75 -16.50
CA GLY B 157 12.79 14.33 -15.57
C GLY B 157 13.73 13.30 -16.16
N LEU B 158 14.99 13.68 -16.37
CA LEU B 158 15.91 12.81 -17.09
C LEU B 158 16.32 11.63 -16.22
N LEU B 159 16.43 10.46 -16.82
CA LEU B 159 16.70 9.23 -16.10
C LEU B 159 18.12 8.81 -16.43
N ASN B 160 18.98 8.80 -15.43
CA ASN B 160 20.17 7.98 -15.48
C ASN B 160 20.19 7.00 -14.31
N LEU B 161 21.14 6.09 -14.39
CA LEU B 161 21.12 4.86 -13.63
C LEU B 161 21.46 5.14 -12.17
N GLU B 162 22.42 6.05 -11.96
CA GLU B 162 22.97 6.36 -10.65
C GLU B 162 22.04 7.22 -9.81
N GLY B 163 21.09 7.91 -10.43
CA GLY B 163 20.09 8.66 -9.68
C GLY B 163 18.99 7.81 -9.07
N ILE B 164 18.77 6.61 -9.60
CA ILE B 164 18.08 5.56 -8.86
C ILE B 164 19.08 4.95 -7.90
N ILE B 165 18.82 5.08 -6.60
CA ILE B 165 19.62 4.42 -5.56
C ILE B 165 18.71 3.45 -4.83
N PHE B 166 19.02 2.16 -4.92
CA PHE B 166 18.39 1.16 -4.07
C PHE B 166 19.06 1.12 -2.71
N SER B 167 18.30 0.69 -1.70
CA SER B 167 18.86 0.62 -0.36
C SER B 167 19.75 -0.60 -0.22
N GLU B 168 20.40 -0.67 0.96
CA GLU B 168 21.31 -1.77 1.27
C GLU B 168 20.56 -3.09 1.38
N GLN B 169 19.34 -3.07 1.92
CA GLN B 169 18.57 -4.29 2.09
C GLN B 169 17.66 -4.61 0.93
N VAL B 170 17.31 -3.62 0.09
CA VAL B 170 16.79 -3.93 -1.24
C VAL B 170 17.83 -4.68 -2.04
N GLN B 171 19.08 -4.19 -2.03
CA GLN B 171 20.19 -4.85 -2.72
C GLN B 171 20.52 -6.22 -2.11
N SER B 172 20.16 -6.45 -0.85
CA SER B 172 20.38 -7.74 -0.20
C SER B 172 19.59 -8.87 -0.84
N GLU B 173 18.35 -8.60 -1.29
CA GLU B 173 17.46 -9.66 -1.75
C GLU B 173 17.82 -10.20 -3.13
N TRP B 174 18.69 -9.50 -3.86
CA TRP B 174 18.95 -9.80 -5.25
C TRP B 174 19.81 -11.05 -5.38
N ALA B 175 19.75 -11.67 -6.56
CA ALA B 175 20.46 -12.92 -6.79
C ALA B 175 21.97 -12.69 -6.81
N ASP B 176 22.43 -11.75 -7.62
CA ASP B 176 23.69 -11.04 -7.37
C ASP B 176 23.39 -9.72 -6.70
N PRO B 177 23.93 -9.43 -5.52
CA PRO B 177 23.76 -8.09 -4.93
C PRO B 177 24.55 -7.01 -5.66
N ASN B 178 25.49 -7.40 -6.53
CA ASN B 178 26.36 -6.47 -7.23
C ASN B 178 25.80 -6.03 -8.58
N MET B 179 24.66 -6.57 -9.00
CA MET B 179 24.28 -6.59 -10.41
C MET B 179 23.89 -5.21 -10.93
N TYR B 180 23.41 -4.32 -10.06
CA TYR B 180 23.24 -2.93 -10.44
C TYR B 180 24.57 -2.24 -10.64
N GLU B 181 25.49 -2.42 -9.68
CA GLU B 181 26.81 -1.81 -9.78
C GLU B 181 27.62 -2.37 -10.95
N ASN B 182 27.32 -3.58 -11.41
CA ASN B 182 27.81 -4.05 -12.70
C ASN B 182 27.24 -3.24 -13.86
N LEU B 183 25.93 -2.96 -13.81
CA LEU B 183 25.21 -2.40 -14.96
C LEU B 183 25.67 -0.97 -15.28
N LYS B 184 26.04 -0.21 -14.27
CA LYS B 184 26.54 1.15 -14.47
C LYS B 184 27.91 1.18 -15.15
N GLN B 185 28.66 0.09 -15.03
CA GLN B 185 29.87 -0.13 -15.83
C GLN B 185 29.54 -0.92 -17.09
N GLY B 186 30.58 -1.32 -17.83
CA GLY B 186 30.38 -1.99 -19.10
C GLY B 186 29.85 -3.41 -19.00
N ILE B 187 29.92 -4.03 -17.82
CA ILE B 187 29.97 -5.49 -17.71
C ILE B 187 28.56 -6.08 -17.64
#